data_5Z99
#
_entry.id   5Z99
#
_cell.length_a   73.368
_cell.length_b   89.630
_cell.length_c   90.787
_cell.angle_alpha   90.000
_cell.angle_beta   90.000
_cell.angle_gamma   90.000
#
_symmetry.space_group_name_H-M   'P 21 21 21'
#
loop_
_entity.id
_entity.type
_entity.pdbx_description
1 polymer 'Putative ABC transporter periplasmic binding protein'
2 non-polymer 'N-acetyl-beta-neuraminic acid'
3 water water
#
_entity_poly.entity_id   1
_entity_poly.type   'polypeptide(L)'
_entity_poly.pdbx_seq_one_letter_code
;SPSGSTIEAGIAYPISTGFDPLTSSGASSMAANLHIFEGLVDLHPVTRQPYLALAAKEPEQKDDLTYYISLREGAMFHDG
SPVTTEDVVYSFERVLDPAKASLFAQFIPFIASVTALDDNVVEFKLKYPFALFKERLTIIKIVPKHIVEAGQSAFDAKPI
GSGPYKFVSATKDDRIVFEANTVYNGHYPAKVEKMTWFLLSDDAARVTAQESGRVQAIESVPYLDAERLKRKNNVESVQS
FGLLFLMFNCEKAPFDNPKVRQALHYALDKQKLIDIVFLGNAKAATSYLQDTHPDYVKASSQYDYDKAKAEKLLAEAGIT
NLTFQLLATDHAWVKECAPLILESWNALSVVKVTLQHLQSGALYSAHVDKGAYEVVIAPGDPSVFGNDLDLLLSWWYRGD
VWPKRRFRWANTAEYHEVQKLLDEAIKNPAGSKVAWQKAINIIAEQVPLYPIIHRKLPTAWNTKKLTDFQPLPTTGLSFL
GVGRT
;
_entity_poly.pdbx_strand_id   A
#
# COMPACT_ATOMS: atom_id res chain seq x y z
N SER A 1 -25.40 2.63 19.33
CA SER A 1 -25.35 1.72 20.47
C SER A 1 -24.67 0.41 20.10
N PRO A 2 -23.35 0.33 20.31
CA PRO A 2 -22.60 -0.90 19.98
C PRO A 2 -22.82 -1.96 21.05
N SER A 3 -24.01 -2.54 21.04
CA SER A 3 -24.33 -3.67 21.90
C SER A 3 -25.41 -4.46 21.18
N GLY A 4 -25.16 -5.77 21.01
CA GLY A 4 -26.11 -6.65 20.38
C GLY A 4 -25.94 -6.84 18.89
N SER A 5 -25.07 -6.07 18.24
CA SER A 5 -24.88 -6.19 16.81
C SER A 5 -23.41 -6.41 16.49
N THR A 6 -23.17 -7.00 15.32
CA THR A 6 -21.82 -7.31 14.87
C THR A 6 -21.71 -7.11 13.37
N ILE A 7 -20.47 -7.05 12.89
CA ILE A 7 -20.17 -6.97 11.46
C ILE A 7 -19.23 -8.11 11.11
N GLU A 8 -19.51 -8.78 10.00
CA GLU A 8 -18.63 -9.80 9.44
C GLU A 8 -18.29 -9.39 8.02
N ALA A 9 -17.00 -9.47 7.67
CA ALA A 9 -16.53 -9.06 6.36
C ALA A 9 -15.55 -10.09 5.83
N GLY A 10 -15.45 -10.17 4.51
CA GLY A 10 -14.47 -11.03 3.87
C GLY A 10 -13.32 -10.22 3.29
N ILE A 11 -12.12 -10.40 3.84
CA ILE A 11 -10.91 -9.71 3.41
C ILE A 11 -10.16 -10.62 2.45
N ALA A 12 -9.61 -10.04 1.39
CA ALA A 12 -8.99 -10.80 0.31
C ALA A 12 -7.50 -11.06 0.53
N TYR A 13 -6.83 -10.28 1.38
CA TYR A 13 -5.38 -10.37 1.52
C TYR A 13 -5.03 -11.13 2.78
N PRO A 14 -4.25 -12.21 2.69
CA PRO A 14 -3.77 -12.86 3.90
C PRO A 14 -2.94 -11.90 4.74
N ILE A 15 -2.81 -12.23 6.02
CA ILE A 15 -1.91 -11.47 6.88
C ILE A 15 -0.49 -11.72 6.41
N SER A 16 0.19 -10.66 5.94
CA SER A 16 1.53 -10.80 5.40
C SER A 16 2.56 -9.98 6.17
N THR A 17 2.12 -9.05 6.99
CA THR A 17 2.97 -8.39 7.97
C THR A 17 2.21 -8.34 9.29
N GLY A 18 2.95 -7.97 10.35
CA GLY A 18 2.30 -7.66 11.60
C GLY A 18 1.54 -6.34 11.56
N PHE A 19 1.20 -5.81 12.74
CA PHE A 19 0.35 -4.64 12.85
C PHE A 19 1.07 -3.41 13.38
N ASP A 20 2.34 -3.53 13.76
CA ASP A 20 3.08 -2.37 14.23
C ASP A 20 3.15 -1.35 13.11
N PRO A 21 2.58 -0.15 13.28
CA PRO A 21 2.59 0.84 12.18
C PRO A 21 3.99 1.28 11.77
N LEU A 22 5.04 0.89 12.50
CA LEU A 22 6.40 1.11 12.01
C LEU A 22 6.64 0.38 10.69
N THR A 23 6.03 -0.78 10.50
CA THR A 23 6.40 -1.69 9.42
C THR A 23 5.20 -2.40 8.79
N SER A 24 3.97 -2.05 9.17
CA SER A 24 2.80 -2.85 8.78
C SER A 24 2.34 -2.47 7.38
N SER A 25 3.07 -2.96 6.36
CA SER A 25 2.74 -2.64 4.98
C SER A 25 1.78 -3.64 4.32
N GLY A 26 1.45 -4.74 4.98
CA GLY A 26 0.51 -5.69 4.39
C GLY A 26 -0.88 -5.09 4.27
N ALA A 27 -1.54 -5.36 3.14
CA ALA A 27 -2.82 -4.72 2.86
C ALA A 27 -3.83 -4.95 3.98
N SER A 28 -3.95 -6.19 4.46
CA SER A 28 -4.97 -6.45 5.47
C SER A 28 -4.57 -5.88 6.83
N SER A 29 -3.26 -5.79 7.11
CA SER A 29 -2.84 -5.17 8.37
C SER A 29 -3.07 -3.67 8.35
N MET A 30 -2.80 -3.03 7.20
CA MET A 30 -3.07 -1.60 7.09
C MET A 30 -4.55 -1.31 7.23
N ALA A 31 -5.40 -2.15 6.61
CA ALA A 31 -6.83 -1.95 6.75
C ALA A 31 -7.27 -2.09 8.20
N ALA A 32 -6.75 -3.11 8.91
CA ALA A 32 -7.08 -3.24 10.32
C ALA A 32 -6.64 -2.02 11.10
N ASN A 33 -5.48 -1.46 10.74
CA ASN A 33 -4.93 -0.34 11.49
C ASN A 33 -5.72 0.96 11.28
N LEU A 34 -6.48 1.07 10.19
CA LEU A 34 -7.40 2.20 10.05
C LEU A 34 -8.42 2.23 11.17
N HIS A 35 -8.70 1.07 11.76
CA HIS A 35 -9.71 0.93 12.80
C HIS A 35 -9.09 0.87 14.19
N ILE A 36 -7.88 0.34 14.30
CA ILE A 36 -7.21 0.16 15.58
C ILE A 36 -6.44 1.41 16.01
N PHE A 37 -5.85 2.13 15.06
CA PHE A 37 -4.96 3.25 15.36
C PHE A 37 -5.57 4.56 14.86
N GLU A 38 -4.99 5.67 15.34
CA GLU A 38 -5.27 7.01 14.85
C GLU A 38 -3.97 7.74 14.60
N GLY A 39 -3.96 8.56 13.55
CA GLY A 39 -2.98 9.62 13.43
C GLY A 39 -3.49 10.86 14.14
N LEU A 40 -2.67 11.91 14.09
CA LEU A 40 -3.15 13.21 14.59
C LEU A 40 -4.24 13.75 13.69
N VAL A 41 -4.03 13.67 12.38
CA VAL A 41 -5.03 13.92 11.37
C VAL A 41 -5.05 12.66 10.52
N ASP A 42 -6.24 12.19 10.16
CA ASP A 42 -6.37 11.03 9.30
C ASP A 42 -7.08 11.41 8.00
N LEU A 43 -6.86 10.59 6.97
CA LEU A 43 -7.60 10.73 5.71
C LEU A 43 -8.75 9.74 5.71
N HIS A 44 -9.93 10.21 5.34
CA HIS A 44 -11.07 9.30 5.26
C HIS A 44 -10.75 8.20 4.24
N PRO A 45 -11.03 6.94 4.55
CA PRO A 45 -10.63 5.85 3.64
C PRO A 45 -11.30 5.93 2.28
N VAL A 46 -12.51 6.50 2.22
CA VAL A 46 -13.28 6.58 0.97
C VAL A 46 -12.99 7.88 0.23
N THR A 47 -13.25 9.02 0.89
CA THR A 47 -13.13 10.31 0.22
C THR A 47 -11.71 10.83 0.17
N ARG A 48 -10.83 10.32 1.04
CA ARG A 48 -9.44 10.76 1.17
C ARG A 48 -9.33 12.17 1.76
N GLN A 49 -10.42 12.71 2.31
CA GLN A 49 -10.39 14.03 2.90
C GLN A 49 -9.85 13.97 4.33
N PRO A 50 -9.06 14.93 4.75
CA PRO A 50 -8.54 14.90 6.12
C PRO A 50 -9.60 15.22 7.14
N TYR A 51 -9.47 14.62 8.32
CA TYR A 51 -10.35 14.90 9.45
C TYR A 51 -9.53 14.84 10.73
N LEU A 52 -9.95 15.60 11.74
CA LEU A 52 -9.23 15.59 13.01
C LEU A 52 -9.41 14.25 13.69
N ALA A 53 -8.29 13.64 14.11
CA ALA A 53 -8.31 12.39 14.84
C ALA A 53 -7.77 12.68 16.24
N LEU A 54 -6.50 12.38 16.53
CA LEU A 54 -5.97 12.71 17.85
C LEU A 54 -5.69 14.19 18.03
N ALA A 55 -5.66 14.97 16.95
CA ALA A 55 -5.56 16.42 17.09
C ALA A 55 -6.88 16.97 17.64
N ALA A 56 -6.79 17.81 18.67
CA ALA A 56 -7.99 18.38 19.28
C ALA A 56 -8.63 19.44 18.40
N LYS A 57 -7.83 20.10 17.57
CA LYS A 57 -8.27 21.20 16.75
C LYS A 57 -7.29 21.32 15.59
N GLU A 58 -7.61 22.16 14.62
CA GLU A 58 -6.75 22.32 13.47
C GLU A 58 -5.31 22.62 13.92
N PRO A 59 -4.32 21.94 13.37
CA PRO A 59 -2.93 22.30 13.65
C PRO A 59 -2.72 23.80 13.46
N GLU A 60 -2.05 24.42 14.43
CA GLU A 60 -1.71 25.83 14.36
C GLU A 60 -0.39 25.98 13.62
N GLN A 61 -0.42 26.65 12.47
CA GLN A 61 0.78 26.87 11.66
C GLN A 61 1.34 28.24 12.02
N LYS A 62 2.39 28.26 12.83
CA LYS A 62 3.01 29.53 13.21
C LYS A 62 3.72 30.18 12.03
N ASP A 63 4.52 29.40 11.30
CA ASP A 63 5.17 29.83 10.07
C ASP A 63 5.29 28.61 9.16
N ASP A 64 5.87 28.81 7.99
N ASP A 64 5.86 28.82 7.99
CA ASP A 64 5.93 27.73 7.01
CA ASP A 64 5.96 27.74 7.01
C ASP A 64 6.79 26.55 7.47
C ASP A 64 6.70 26.51 7.55
N LEU A 65 7.52 26.68 8.58
CA LEU A 65 8.33 25.58 9.10
C LEU A 65 7.91 25.07 10.46
N THR A 66 6.81 25.59 11.03
CA THR A 66 6.51 25.33 12.44
C THR A 66 5.03 25.11 12.61
N TYR A 67 4.65 23.95 13.14
CA TYR A 67 3.26 23.61 13.43
C TYR A 67 3.13 23.14 14.87
N TYR A 68 2.03 23.51 15.52
CA TYR A 68 1.74 23.06 16.86
C TYR A 68 0.42 22.29 16.84
N ILE A 69 0.43 21.10 17.42
CA ILE A 69 -0.75 20.25 17.47
C ILE A 69 -1.04 19.90 18.92
N SER A 70 -2.29 20.06 19.33
N SER A 70 -2.29 20.04 19.32
CA SER A 70 -2.72 19.73 20.68
CA SER A 70 -2.74 19.74 20.68
C SER A 70 -3.54 18.44 20.67
C SER A 70 -3.54 18.44 20.67
N LEU A 71 -3.40 17.66 21.74
CA LEU A 71 -4.06 16.36 21.81
C LEU A 71 -5.51 16.48 22.24
N ARG A 72 -6.37 15.72 21.58
CA ARG A 72 -7.77 15.58 21.97
C ARG A 72 -7.90 15.27 23.46
N GLU A 73 -8.74 16.05 24.14
CA GLU A 73 -8.97 15.83 25.56
C GLU A 73 -9.53 14.43 25.80
N GLY A 74 -8.99 13.74 26.80
CA GLY A 74 -9.51 12.45 27.20
C GLY A 74 -9.12 11.30 26.29
N ALA A 75 -8.23 11.51 25.33
CA ALA A 75 -7.86 10.42 24.43
C ALA A 75 -7.12 9.32 25.19
N MET A 76 -7.48 8.07 24.91
N MET A 76 -7.46 8.08 24.87
CA MET A 76 -6.90 6.95 25.62
CA MET A 76 -6.99 6.90 25.58
C MET A 76 -6.55 5.81 24.67
C MET A 76 -6.49 5.84 24.60
N PHE A 77 -5.52 5.05 25.05
CA PHE A 77 -5.16 3.82 24.37
C PHE A 77 -6.03 2.68 24.90
N HIS A 78 -6.01 1.55 24.20
CA HIS A 78 -6.91 0.44 24.50
C HIS A 78 -6.57 -0.25 25.81
N ASP A 79 -5.40 0.00 26.38
CA ASP A 79 -5.06 -0.55 27.69
C ASP A 79 -5.54 0.33 28.83
N GLY A 80 -6.27 1.42 28.53
CA GLY A 80 -6.75 2.31 29.56
C GLY A 80 -5.80 3.43 29.95
N SER A 81 -4.70 3.58 29.26
CA SER A 81 -3.76 4.66 29.55
C SER A 81 -4.09 5.89 28.72
N PRO A 82 -3.74 7.08 29.18
CA PRO A 82 -3.92 8.27 28.35
C PRO A 82 -2.92 8.31 27.22
N VAL A 83 -3.36 8.87 26.08
CA VAL A 83 -2.41 9.24 25.04
C VAL A 83 -1.68 10.50 25.48
N THR A 84 -0.36 10.46 25.46
CA THR A 84 0.45 11.56 25.95
C THR A 84 1.27 12.16 24.80
N THR A 85 1.74 13.39 25.02
CA THR A 85 2.60 14.01 24.01
C THR A 85 3.91 13.25 23.84
N GLU A 86 4.37 12.56 24.89
CA GLU A 86 5.55 11.71 24.74
C GLU A 86 5.27 10.58 23.77
N ASP A 87 4.06 10.02 23.81
CA ASP A 87 3.71 8.97 22.85
C ASP A 87 3.75 9.50 21.42
N VAL A 88 3.32 10.76 21.22
CA VAL A 88 3.36 11.34 19.89
C VAL A 88 4.80 11.49 19.41
N VAL A 89 5.66 12.10 20.26
CA VAL A 89 7.07 12.24 19.91
C VAL A 89 7.68 10.89 19.61
N TYR A 90 7.44 9.91 20.48
CA TYR A 90 7.99 8.58 20.28
C TYR A 90 7.57 8.00 18.92
N SER A 91 6.30 8.17 18.57
CA SER A 91 5.78 7.59 17.33
C SER A 91 6.51 8.13 16.10
N PHE A 92 6.72 9.44 16.05
CA PHE A 92 7.42 10.04 14.92
C PHE A 92 8.90 9.73 14.96
N GLU A 93 9.52 9.80 16.15
CA GLU A 93 10.96 9.60 16.23
C GLU A 93 11.37 8.19 15.84
N ARG A 94 10.55 7.18 16.16
CA ARG A 94 10.95 5.81 15.79
C ARG A 94 10.85 5.60 14.28
N VAL A 95 9.86 6.20 13.62
CA VAL A 95 9.80 6.16 12.16
C VAL A 95 11.02 6.85 11.56
N LEU A 96 11.39 8.01 12.11
CA LEU A 96 12.50 8.80 11.55
C LEU A 96 13.86 8.16 11.81
N ASP A 97 14.00 7.36 12.85
CA ASP A 97 15.28 6.79 13.23
C ASP A 97 15.70 5.71 12.23
N PRO A 98 16.75 5.92 11.44
CA PRO A 98 17.13 4.88 10.46
C PRO A 98 17.41 3.54 11.10
N ALA A 99 17.87 3.51 12.36
CA ALA A 99 18.19 2.25 13.00
C ALA A 99 16.96 1.36 13.15
N LYS A 100 15.77 1.96 13.23
CA LYS A 100 14.53 1.21 13.44
C LYS A 100 13.98 0.59 12.17
N ALA A 101 14.51 0.96 11.01
CA ALA A 101 14.17 0.31 9.75
C ALA A 101 12.67 0.34 9.47
N SER A 102 12.05 1.51 9.68
CA SER A 102 10.66 1.68 9.30
C SER A 102 10.55 1.56 7.78
N LEU A 103 9.38 1.14 7.31
N LEU A 103 9.38 1.13 7.32
CA LEU A 103 9.11 1.15 5.87
CA LEU A 103 9.05 1.12 5.91
C LEU A 103 8.47 2.45 5.41
C LEU A 103 8.50 2.45 5.41
N PHE A 104 8.34 3.44 6.30
CA PHE A 104 7.54 4.62 6.00
C PHE A 104 8.22 5.97 6.22
N ALA A 105 9.50 6.03 6.60
CA ALA A 105 10.12 7.33 6.82
C ALA A 105 10.18 8.15 5.54
N GLN A 106 10.12 7.50 4.38
CA GLN A 106 10.18 8.23 3.12
C GLN A 106 8.89 8.98 2.83
N PHE A 107 7.90 8.90 3.72
CA PHE A 107 6.69 9.70 3.65
C PHE A 107 6.73 10.94 4.54
N ILE A 108 7.76 11.10 5.36
CA ILE A 108 7.93 12.32 6.17
C ILE A 108 9.35 12.88 6.04
N PRO A 109 9.91 13.00 4.82
CA PRO A 109 11.28 13.52 4.71
C PRO A 109 11.41 14.98 5.06
N PHE A 110 10.30 15.68 5.19
CA PHE A 110 10.29 17.12 5.46
C PHE A 110 10.28 17.44 6.95
N ILE A 111 10.13 16.45 7.84
CA ILE A 111 10.09 16.72 9.27
C ILE A 111 11.51 16.76 9.82
N ALA A 112 11.86 17.86 10.47
CA ALA A 112 13.15 18.00 11.12
C ALA A 112 13.13 17.49 12.56
N SER A 113 12.09 17.81 13.32
CA SER A 113 12.03 17.43 14.72
C SER A 113 10.59 17.45 15.21
N VAL A 114 10.33 16.67 16.26
CA VAL A 114 9.03 16.62 16.93
C VAL A 114 9.30 16.72 18.42
N THR A 115 8.70 17.72 19.08
CA THR A 115 9.03 18.00 20.47
C THR A 115 7.77 18.23 21.28
N ALA A 116 7.72 17.62 22.47
CA ALA A 116 6.61 17.82 23.38
C ALA A 116 6.85 19.11 24.16
N LEU A 117 5.95 20.08 23.98
CA LEU A 117 6.09 21.37 24.65
C LEU A 117 5.54 21.31 26.07
N ASP A 118 4.47 20.55 26.26
CA ASP A 118 3.89 20.30 27.57
C ASP A 118 3.09 19.01 27.45
N ASP A 119 2.18 18.79 28.38
CA ASP A 119 1.40 17.56 28.32
C ASP A 119 0.28 17.60 27.30
N ASN A 120 0.13 18.69 26.55
CA ASN A 120 -0.92 18.74 25.54
C ASN A 120 -0.44 19.07 24.13
N VAL A 121 0.64 19.84 23.98
CA VAL A 121 1.02 20.39 22.69
C VAL A 121 2.32 19.79 22.23
N VAL A 122 2.37 19.44 20.95
CA VAL A 122 3.57 18.93 20.28
C VAL A 122 3.96 19.92 19.18
N GLU A 123 5.25 20.24 19.11
CA GLU A 123 5.78 21.14 18.10
C GLU A 123 6.48 20.36 17.00
N PHE A 124 6.09 20.60 15.76
CA PHE A 124 6.72 20.02 14.58
C PHE A 124 7.54 21.10 13.89
N LYS A 125 8.82 20.84 13.70
CA LYS A 125 9.70 21.70 12.92
C LYS A 125 10.00 21.00 11.61
N LEU A 126 9.85 21.73 10.51
CA LEU A 126 10.09 21.19 9.19
C LEU A 126 11.43 21.65 8.63
N LYS A 127 12.00 20.82 7.75
CA LYS A 127 13.25 21.17 7.05
C LYS A 127 13.00 22.24 5.99
N TYR A 128 11.81 22.26 5.41
CA TYR A 128 11.40 23.18 4.37
C TYR A 128 9.89 23.17 4.32
N PRO A 129 9.25 24.16 3.68
CA PRO A 129 7.79 24.20 3.67
C PRO A 129 7.21 22.98 2.96
N PHE A 130 6.07 22.52 3.45
CA PHE A 130 5.44 21.35 2.83
C PHE A 130 3.93 21.48 3.02
N ALA A 131 3.25 21.83 1.92
CA ALA A 131 1.83 22.17 2.02
C ALA A 131 0.98 20.98 2.45
N LEU A 132 1.39 19.76 2.13
CA LEU A 132 0.62 18.56 2.47
C LEU A 132 0.98 18.00 3.85
N PHE A 133 1.56 18.82 4.73
CA PHE A 133 1.95 18.35 6.06
C PHE A 133 0.80 17.64 6.76
N LYS A 134 -0.38 18.27 6.84
CA LYS A 134 -1.47 17.69 7.62
C LYS A 134 -1.93 16.38 7.01
N GLU A 135 -1.97 16.32 5.68
CA GLU A 135 -2.44 15.13 4.99
C GLU A 135 -1.53 13.93 5.23
N ARG A 136 -0.24 14.16 5.42
CA ARG A 136 0.69 13.06 5.66
C ARG A 136 0.63 12.51 7.08
N LEU A 137 0.01 13.24 8.01
CA LEU A 137 -0.03 12.79 9.39
C LEU A 137 -0.76 11.47 9.54
N THR A 138 -1.66 11.14 8.60
CA THR A 138 -2.42 9.90 8.73
C THR A 138 -1.50 8.67 8.68
N ILE A 139 -0.33 8.81 8.06
CA ILE A 139 0.60 7.69 7.91
C ILE A 139 1.25 7.34 9.25
N ILE A 140 1.47 8.32 10.12
CA ILE A 140 2.21 8.12 11.36
C ILE A 140 1.20 7.87 12.48
N LYS A 141 0.79 6.61 12.62
CA LYS A 141 -0.12 6.27 13.71
C LYS A 141 0.57 6.50 15.06
N ILE A 142 -0.23 6.90 16.05
CA ILE A 142 0.30 7.19 17.38
C ILE A 142 0.24 5.91 18.21
N VAL A 143 1.40 5.47 18.68
CA VAL A 143 1.52 4.20 19.39
C VAL A 143 1.83 4.45 20.86
N PRO A 144 1.48 3.53 21.74
CA PRO A 144 1.78 3.69 23.18
C PRO A 144 3.22 3.29 23.47
N LYS A 145 4.06 4.28 23.78
CA LYS A 145 5.47 4.02 24.04
C LYS A 145 5.66 2.96 25.11
N HIS A 146 4.87 3.01 26.20
CA HIS A 146 5.09 2.08 27.31
C HIS A 146 4.83 0.64 26.89
N ILE A 147 3.96 0.43 25.91
N ILE A 147 3.99 0.43 25.89
CA ILE A 147 3.73 -0.91 25.39
CA ILE A 147 3.76 -0.93 25.40
C ILE A 147 4.86 -1.31 24.44
C ILE A 147 4.83 -1.34 24.41
N VAL A 148 5.14 -0.47 23.44
CA VAL A 148 6.13 -0.81 22.43
C VAL A 148 7.49 -1.08 23.06
N GLU A 149 7.88 -0.26 24.04
CA GLU A 149 9.19 -0.41 24.67
C GLU A 149 9.30 -1.72 25.42
N ALA A 150 8.17 -2.25 25.87
CA ALA A 150 8.12 -3.52 26.60
C ALA A 150 8.25 -4.73 25.68
N GLY A 151 8.26 -4.54 24.36
CA GLY A 151 8.39 -5.66 23.47
C GLY A 151 7.79 -5.39 22.09
N GLN A 152 8.66 -5.10 21.12
CA GLN A 152 8.17 -4.72 19.80
CA GLN A 152 8.17 -4.72 19.80
C GLN A 152 7.48 -5.88 19.10
N SER A 153 8.05 -7.09 19.18
N SER A 153 8.05 -7.09 19.19
CA SER A 153 7.44 -8.24 18.52
CA SER A 153 7.46 -8.23 18.53
C SER A 153 6.06 -8.52 19.10
C SER A 153 6.08 -8.55 19.10
N ALA A 154 5.92 -8.42 20.42
CA ALA A 154 4.62 -8.68 21.03
C ALA A 154 3.59 -7.65 20.58
N PHE A 155 4.00 -6.38 20.50
CA PHE A 155 3.11 -5.32 20.02
C PHE A 155 2.74 -5.53 18.56
N ASP A 156 3.70 -5.98 17.74
CA ASP A 156 3.47 -6.23 16.32
C ASP A 156 2.38 -7.28 16.13
N ALA A 157 2.32 -8.27 17.02
CA ALA A 157 1.33 -9.34 16.93
C ALA A 157 0.02 -9.00 17.61
N LYS A 158 0.02 -8.06 18.55
CA LYS A 158 -1.16 -7.71 19.35
C LYS A 158 -1.16 -6.19 19.51
N PRO A 159 -1.60 -5.48 18.49
CA PRO A 159 -1.47 -4.01 18.50
C PRO A 159 -2.41 -3.35 19.49
N ILE A 160 -1.92 -2.29 20.12
CA ILE A 160 -2.68 -1.44 21.04
C ILE A 160 -2.65 -0.04 20.47
N GLY A 161 -3.82 0.51 20.17
CA GLY A 161 -3.92 1.85 19.60
C GLY A 161 -4.96 2.67 20.34
N SER A 162 -5.45 3.74 19.70
CA SER A 162 -6.52 4.57 20.27
C SER A 162 -7.76 4.62 19.39
N GLY A 163 -7.78 3.87 18.29
CA GLY A 163 -8.89 3.92 17.35
C GLY A 163 -10.17 3.34 17.90
N PRO A 164 -11.25 3.46 17.13
CA PRO A 164 -12.58 3.06 17.63
C PRO A 164 -12.76 1.57 17.81
N TYR A 165 -11.90 0.74 17.22
CA TYR A 165 -11.96 -0.70 17.44
C TYR A 165 -10.66 -1.19 18.09
N LYS A 166 -10.81 -2.06 19.08
CA LYS A 166 -9.68 -2.71 19.73
C LYS A 166 -9.43 -4.05 19.04
N PHE A 167 -8.14 -4.39 18.94
CA PHE A 167 -7.74 -5.70 18.43
C PHE A 167 -8.02 -6.77 19.47
N VAL A 168 -8.68 -7.84 19.05
CA VAL A 168 -8.89 -9.02 19.90
C VAL A 168 -7.94 -10.15 19.54
N SER A 169 -7.92 -10.55 18.27
CA SER A 169 -7.06 -11.67 17.86
C SER A 169 -6.90 -11.66 16.35
N ALA A 170 -5.84 -12.33 15.91
CA ALA A 170 -5.62 -12.56 14.49
C ALA A 170 -5.06 -13.96 14.34
N THR A 171 -5.65 -14.75 13.46
N THR A 171 -5.65 -14.75 13.45
CA THR A 171 -5.23 -16.13 13.22
C THR A 171 -5.08 -16.32 11.71
C THR A 171 -5.08 -16.34 11.72
N LYS A 172 -3.87 -16.71 11.29
CA LYS A 172 -3.59 -16.85 9.87
C LYS A 172 -4.59 -17.79 9.20
N ASP A 173 -5.02 -17.40 8.01
CA ASP A 173 -5.95 -18.17 7.20
C ASP A 173 -7.30 -18.38 7.87
N ASP A 174 -7.60 -17.57 8.87
CA ASP A 174 -8.83 -17.72 9.63
C ASP A 174 -9.55 -16.38 9.77
N ARG A 175 -9.16 -15.55 10.74
CA ARG A 175 -9.92 -14.31 10.94
C ARG A 175 -9.14 -13.33 11.79
N ILE A 176 -9.51 -12.05 11.67
CA ILE A 176 -9.14 -10.99 12.60
C ILE A 176 -10.41 -10.58 13.32
N VAL A 177 -10.33 -10.45 14.64
CA VAL A 177 -11.48 -10.11 15.46
C VAL A 177 -11.19 -8.79 16.15
N PHE A 178 -12.16 -7.88 16.10
CA PHE A 178 -12.10 -6.56 16.74
C PHE A 178 -13.26 -6.47 17.72
N GLU A 179 -13.15 -5.55 18.68
CA GLU A 179 -14.27 -5.22 19.54
C GLU A 179 -14.35 -3.71 19.71
N ALA A 180 -15.55 -3.20 20.01
CA ALA A 180 -15.71 -1.77 20.15
C ALA A 180 -14.84 -1.24 21.28
N ASN A 181 -14.14 -0.13 21.03
CA ASN A 181 -13.40 0.58 22.07
C ASN A 181 -14.34 1.62 22.66
N THR A 182 -14.88 1.33 23.86
CA THR A 182 -15.94 2.16 24.41
C THR A 182 -15.45 3.49 24.97
N VAL A 183 -14.13 3.70 25.11
CA VAL A 183 -13.61 4.99 25.56
C VAL A 183 -13.14 5.87 24.40
N TYR A 184 -13.34 5.43 23.17
CA TYR A 184 -13.00 6.27 22.03
C TYR A 184 -13.92 7.49 22.00
N ASN A 185 -13.32 8.68 21.85
CA ASN A 185 -14.10 9.91 21.80
C ASN A 185 -13.75 10.76 20.57
N GLY A 186 -13.38 10.12 19.47
CA GLY A 186 -13.21 10.80 18.19
C GLY A 186 -14.48 10.82 17.38
N HIS A 187 -14.32 11.06 16.08
CA HIS A 187 -15.44 11.31 15.17
C HIS A 187 -16.13 10.05 14.69
N TYR A 188 -15.48 8.88 14.72
CA TYR A 188 -15.98 7.66 14.10
C TYR A 188 -16.05 6.51 15.10
N PRO A 189 -16.91 6.63 16.11
CA PRO A 189 -17.01 5.56 17.10
C PRO A 189 -17.55 4.26 16.49
N ALA A 190 -17.17 3.14 17.11
CA ALA A 190 -17.64 1.85 16.67
C ALA A 190 -19.15 1.77 16.79
N LYS A 191 -19.81 1.30 15.72
CA LYS A 191 -21.26 1.18 15.71
C LYS A 191 -21.73 -0.23 16.01
N VAL A 192 -20.80 -1.18 16.16
CA VAL A 192 -21.11 -2.54 16.56
C VAL A 192 -20.16 -2.96 17.67
N GLU A 193 -20.59 -3.94 18.47
CA GLU A 193 -19.77 -4.35 19.59
C GLU A 193 -18.61 -5.25 19.16
N LYS A 194 -18.77 -5.96 18.04
CA LYS A 194 -17.77 -6.93 17.61
C LYS A 194 -17.74 -6.92 16.09
N MET A 195 -16.53 -7.03 15.53
CA MET A 195 -16.36 -7.10 14.09
C MET A 195 -15.37 -8.21 13.79
N THR A 196 -15.72 -9.07 12.83
CA THR A 196 -14.85 -10.17 12.46
C THR A 196 -14.54 -10.03 10.98
N TRP A 197 -13.25 -10.06 10.65
CA TRP A 197 -12.81 -10.10 9.26
C TRP A 197 -12.34 -11.52 8.97
N PHE A 198 -13.09 -12.25 8.14
CA PHE A 198 -12.66 -13.57 7.74
C PHE A 198 -11.62 -13.44 6.64
N LEU A 199 -10.48 -14.09 6.83
CA LEU A 199 -9.39 -14.04 5.85
C LEU A 199 -9.71 -15.08 4.78
N LEU A 200 -10.26 -14.62 3.67
CA LEU A 200 -10.76 -15.48 2.60
C LEU A 200 -10.03 -15.10 1.30
N SER A 201 -8.75 -15.51 1.21
CA SER A 201 -7.98 -15.24 0.01
C SER A 201 -8.46 -16.06 -1.18
N ASP A 202 -9.15 -17.17 -0.93
CA ASP A 202 -9.68 -17.96 -2.03
C ASP A 202 -10.87 -17.24 -2.66
N ASP A 203 -10.77 -16.96 -3.96
CA ASP A 203 -11.82 -16.19 -4.65
C ASP A 203 -13.20 -16.81 -4.44
N ALA A 204 -13.34 -18.11 -4.70
CA ALA A 204 -14.65 -18.72 -4.61
C ALA A 204 -15.19 -18.70 -3.19
N ALA A 205 -14.33 -18.99 -2.21
CA ALA A 205 -14.76 -18.97 -0.81
C ALA A 205 -15.22 -17.58 -0.40
N ARG A 206 -14.53 -16.55 -0.88
CA ARG A 206 -14.91 -15.19 -0.54
C ARG A 206 -16.28 -14.84 -1.12
N VAL A 207 -16.51 -15.19 -2.39
CA VAL A 207 -17.81 -14.91 -3.01
C VAL A 207 -18.91 -15.71 -2.33
N THR A 208 -18.63 -16.97 -2.00
CA THR A 208 -19.64 -17.80 -1.32
C THR A 208 -20.01 -17.18 0.03
N ALA A 209 -19.01 -16.65 0.75
CA ALA A 209 -19.30 -16.03 2.04
C ALA A 209 -20.29 -14.89 1.89
N GLN A 210 -20.13 -14.08 0.83
CA GLN A 210 -21.06 -12.97 0.60
C GLN A 210 -22.43 -13.48 0.20
N GLU A 211 -22.46 -14.46 -0.71
CA GLU A 211 -23.74 -15.00 -1.18
C GLU A 211 -24.52 -15.66 -0.06
N SER A 212 -23.82 -16.38 0.82
CA SER A 212 -24.49 -17.11 1.89
C SER A 212 -24.89 -16.21 3.07
N GLY A 213 -24.49 -14.95 3.07
CA GLY A 213 -24.73 -14.09 4.22
C GLY A 213 -23.79 -14.31 5.37
N ARG A 214 -22.77 -15.16 5.20
CA ARG A 214 -21.79 -15.31 6.26
C ARG A 214 -21.06 -13.99 6.51
N VAL A 215 -20.95 -13.15 5.49
CA VAL A 215 -20.39 -11.80 5.64
C VAL A 215 -21.32 -10.81 4.95
N GLN A 216 -21.18 -9.54 5.34
CA GLN A 216 -22.01 -8.48 4.75
C GLN A 216 -21.28 -7.69 3.67
N ALA A 217 -19.95 -7.78 3.60
CA ALA A 217 -19.19 -7.09 2.57
C ALA A 217 -17.94 -7.91 2.27
N ILE A 218 -17.48 -7.84 1.02
CA ILE A 218 -16.25 -8.51 0.60
C ILE A 218 -15.37 -7.57 -0.20
N GLU A 219 -14.08 -7.67 0.07
CA GLU A 219 -13.03 -6.99 -0.66
C GLU A 219 -12.75 -7.73 -1.97
N SER A 220 -12.38 -6.97 -3.01
CA SER A 220 -11.82 -7.52 -4.25
C SER A 220 -12.72 -8.61 -4.86
N VAL A 221 -13.86 -8.16 -5.36
CA VAL A 221 -14.78 -9.11 -6.00
C VAL A 221 -14.09 -9.70 -7.24
N PRO A 222 -14.03 -11.01 -7.38
CA PRO A 222 -13.49 -11.58 -8.64
C PRO A 222 -14.35 -11.12 -9.81
N TYR A 223 -13.68 -10.68 -10.87
CA TYR A 223 -14.42 -10.10 -11.98
C TYR A 223 -15.45 -11.08 -12.54
N LEU A 224 -15.13 -12.37 -12.56
CA LEU A 224 -16.06 -13.34 -13.14
C LEU A 224 -17.36 -13.42 -12.36
N ASP A 225 -17.34 -13.07 -11.07
CA ASP A 225 -18.50 -13.27 -10.20
C ASP A 225 -19.33 -12.01 -10.00
N ALA A 226 -18.92 -10.88 -10.57
CA ALA A 226 -19.61 -9.62 -10.31
C ALA A 226 -21.08 -9.68 -10.70
N GLU A 227 -21.40 -10.27 -11.87
CA GLU A 227 -22.78 -10.26 -12.35
CA GLU A 227 -22.78 -10.26 -12.35
C GLU A 227 -23.70 -11.03 -11.42
N ARG A 228 -23.29 -12.24 -11.01
CA ARG A 228 -24.18 -13.02 -10.16
C ARG A 228 -24.33 -12.40 -8.78
N LEU A 229 -23.30 -11.73 -8.28
CA LEU A 229 -23.40 -11.08 -6.99
C LEU A 229 -24.37 -9.90 -7.00
N LYS A 230 -24.61 -9.30 -8.17
CA LYS A 230 -25.47 -8.12 -8.23
C LYS A 230 -26.92 -8.44 -7.96
N ARG A 231 -27.31 -9.72 -8.09
CA ARG A 231 -28.71 -10.08 -7.87
CA ARG A 231 -28.69 -10.12 -7.86
C ARG A 231 -29.16 -9.71 -6.47
N LYS A 232 -28.32 -9.96 -5.45
CA LYS A 232 -28.70 -9.71 -4.07
C LYS A 232 -27.77 -8.74 -3.35
N ASN A 233 -26.81 -8.13 -4.04
CA ASN A 233 -25.84 -7.26 -3.39
C ASN A 233 -25.54 -6.07 -4.28
N ASN A 234 -25.01 -5.01 -3.66
CA ASN A 234 -24.38 -3.95 -4.43
C ASN A 234 -22.98 -4.43 -4.81
N VAL A 235 -22.61 -4.17 -6.06
CA VAL A 235 -21.25 -4.39 -6.54
C VAL A 235 -20.82 -3.12 -7.25
N GLU A 236 -19.75 -2.50 -6.78
CA GLU A 236 -19.30 -1.24 -7.34
C GLU A 236 -17.80 -1.35 -7.61
N SER A 237 -17.39 -0.91 -8.79
N SER A 237 -17.38 -0.86 -8.77
CA SER A 237 -15.99 -0.90 -9.18
CA SER A 237 -15.98 -0.92 -9.19
C SER A 237 -15.49 0.53 -9.13
C SER A 237 -15.42 0.49 -9.25
N VAL A 238 -14.30 0.71 -8.56
CA VAL A 238 -13.73 2.03 -8.35
C VAL A 238 -12.38 2.11 -9.06
N GLN A 239 -12.17 3.18 -9.82
N GLN A 239 -12.16 3.19 -9.79
CA GLN A 239 -10.84 3.40 -10.38
CA GLN A 239 -10.84 3.45 -10.36
C GLN A 239 -9.81 3.48 -9.27
C GLN A 239 -9.79 3.51 -9.27
N SER A 240 -8.63 2.93 -9.52
CA SER A 240 -7.63 2.77 -8.48
C SER A 240 -6.23 2.89 -9.03
N PHE A 241 -5.30 3.33 -8.16
CA PHE A 241 -3.88 3.20 -8.43
C PHE A 241 -3.41 1.76 -8.29
N GLY A 242 -4.14 0.93 -7.57
CA GLY A 242 -3.75 -0.46 -7.35
C GLY A 242 -3.28 -1.14 -8.62
N LEU A 243 -2.13 -1.81 -8.56
CA LEU A 243 -1.45 -2.24 -9.78
C LEU A 243 -0.75 -3.57 -9.57
N LEU A 244 -0.39 -4.19 -10.70
CA LEU A 244 0.53 -5.32 -10.74
C LEU A 244 1.85 -4.78 -11.25
N PHE A 245 2.92 -4.98 -10.47
CA PHE A 245 4.22 -4.48 -10.87
C PHE A 245 5.17 -5.62 -11.23
N LEU A 246 6.14 -5.29 -12.09
CA LEU A 246 7.25 -6.17 -12.42
C LEU A 246 8.50 -5.55 -11.79
N MET A 247 9.17 -6.33 -10.94
CA MET A 247 10.31 -5.80 -10.17
C MET A 247 11.52 -6.67 -10.41
N PHE A 248 12.63 -6.04 -10.77
CA PHE A 248 13.87 -6.75 -11.04
C PHE A 248 14.88 -6.51 -9.93
N ASN A 249 15.68 -7.54 -9.63
CA ASN A 249 16.88 -7.37 -8.83
C ASN A 249 17.93 -6.78 -9.75
N CYS A 250 18.14 -5.46 -9.62
CA CYS A 250 18.95 -4.71 -10.57
C CYS A 250 20.44 -4.85 -10.31
N GLU A 251 20.85 -5.62 -9.30
CA GLU A 251 22.25 -5.91 -9.06
CA GLU A 251 22.25 -5.91 -9.06
C GLU A 251 22.63 -7.35 -9.43
N LYS A 252 21.71 -8.11 -10.02
CA LYS A 252 21.99 -9.48 -10.47
C LYS A 252 22.01 -9.50 -11.99
N ALA A 253 23.12 -9.96 -12.56
CA ALA A 253 23.17 -10.18 -14.00
C ALA A 253 22.05 -11.14 -14.42
N PRO A 254 21.44 -10.94 -15.60
CA PRO A 254 21.71 -9.79 -16.48
C PRO A 254 20.65 -8.72 -16.27
N PHE A 255 19.92 -8.79 -15.16
CA PHE A 255 18.86 -7.81 -14.94
C PHE A 255 19.38 -6.48 -14.46
N ASP A 256 20.70 -6.35 -14.30
CA ASP A 256 21.32 -5.03 -14.16
C ASP A 256 21.37 -4.28 -15.48
N ASN A 257 21.05 -4.94 -16.60
CA ASN A 257 21.06 -4.28 -17.90
C ASN A 257 19.66 -3.75 -18.21
N PRO A 258 19.48 -2.44 -18.32
CA PRO A 258 18.13 -1.90 -18.62
C PRO A 258 17.53 -2.46 -19.88
N LYS A 259 18.34 -2.85 -20.87
CA LYS A 259 17.77 -3.35 -22.11
C LYS A 259 17.07 -4.68 -21.89
N VAL A 260 17.58 -5.49 -20.96
CA VAL A 260 16.94 -6.76 -20.63
C VAL A 260 15.61 -6.52 -19.92
N ARG A 261 15.58 -5.55 -19.00
CA ARG A 261 14.34 -5.23 -18.30
C ARG A 261 13.31 -4.67 -19.27
N GLN A 262 13.74 -3.77 -20.16
CA GLN A 262 12.85 -3.25 -21.20
C GLN A 262 12.31 -4.37 -22.07
N ALA A 263 13.20 -5.26 -22.54
CA ALA A 263 12.78 -6.34 -23.41
C ALA A 263 11.66 -7.16 -22.78
N LEU A 264 11.78 -7.47 -21.49
CA LEU A 264 10.78 -8.32 -20.86
C LEU A 264 9.43 -7.62 -20.73
N HIS A 265 9.42 -6.29 -20.63
CA HIS A 265 8.16 -5.55 -20.72
C HIS A 265 7.57 -5.64 -22.13
N TYR A 266 8.39 -5.36 -23.16
CA TYR A 266 7.89 -5.40 -24.52
C TYR A 266 7.36 -6.77 -24.90
N ALA A 267 7.90 -7.83 -24.28
CA ALA A 267 7.53 -9.19 -24.63
C ALA A 267 6.15 -9.57 -24.09
N LEU A 268 5.59 -8.77 -23.19
CA LEU A 268 4.32 -9.13 -22.55
C LEU A 268 3.14 -8.59 -23.35
N ASP A 269 2.16 -9.46 -23.58
CA ASP A 269 0.95 -9.11 -24.34
C ASP A 269 -0.08 -8.65 -23.32
N LYS A 270 -0.12 -7.35 -23.04
CA LYS A 270 -0.99 -6.86 -21.97
C LYS A 270 -2.46 -7.02 -22.33
N GLN A 271 -2.82 -6.82 -23.60
CA GLN A 271 -4.22 -6.97 -23.97
C GLN A 271 -4.73 -8.37 -23.63
N LYS A 272 -3.90 -9.40 -23.82
CA LYS A 272 -4.31 -10.76 -23.49
C LYS A 272 -4.54 -10.91 -21.98
N LEU A 273 -3.63 -10.38 -21.15
CA LEU A 273 -3.84 -10.39 -19.70
C LEU A 273 -5.16 -9.70 -19.36
N ILE A 274 -5.40 -8.54 -19.96
CA ILE A 274 -6.60 -7.76 -19.63
C ILE A 274 -7.85 -8.53 -20.02
N ASP A 275 -7.84 -9.16 -21.19
CA ASP A 275 -9.02 -9.90 -21.63
C ASP A 275 -9.25 -11.14 -20.77
N ILE A 276 -8.20 -11.92 -20.53
CA ILE A 276 -8.37 -13.23 -19.92
C ILE A 276 -8.57 -13.11 -18.41
N VAL A 277 -7.75 -12.30 -17.74
CA VAL A 277 -7.77 -12.28 -16.28
C VAL A 277 -8.68 -11.20 -15.74
N PHE A 278 -8.65 -10.01 -16.33
CA PHE A 278 -9.35 -8.85 -15.78
C PHE A 278 -10.70 -8.59 -16.44
N LEU A 279 -11.02 -9.29 -17.52
CA LEU A 279 -12.29 -9.11 -18.22
C LEU A 279 -12.51 -7.66 -18.64
N GLY A 280 -11.43 -6.99 -19.03
CA GLY A 280 -11.49 -5.61 -19.47
C GLY A 280 -11.46 -4.58 -18.37
N ASN A 281 -11.37 -5.00 -17.10
CA ASN A 281 -11.42 -4.12 -15.95
C ASN A 281 -10.05 -3.68 -15.49
N ALA A 282 -9.14 -3.47 -16.44
CA ALA A 282 -7.79 -2.99 -16.15
C ALA A 282 -7.26 -2.37 -17.43
N LYS A 283 -6.19 -1.61 -17.31
CA LYS A 283 -5.56 -0.98 -18.44
C LYS A 283 -4.05 -1.20 -18.37
N ALA A 284 -3.45 -1.45 -19.53
CA ALA A 284 -1.99 -1.48 -19.59
C ALA A 284 -1.45 -0.14 -19.14
N ALA A 285 -0.37 -0.17 -18.34
CA ALA A 285 0.21 1.06 -17.86
C ALA A 285 0.77 1.87 -19.02
N THR A 286 0.48 3.16 -19.00
CA THR A 286 1.06 4.12 -19.92
C THR A 286 1.80 5.21 -19.17
N SER A 287 1.89 5.10 -17.85
CA SER A 287 2.69 5.97 -17.02
C SER A 287 2.75 5.33 -15.64
N TYR A 288 3.44 6.01 -14.72
CA TYR A 288 3.48 5.54 -13.34
C TYR A 288 2.08 5.50 -12.74
N LEU A 289 1.31 6.56 -12.92
CA LEU A 289 -0.05 6.68 -12.46
C LEU A 289 -1.02 6.09 -13.49
N GLN A 290 -2.20 5.73 -13.00
CA GLN A 290 -3.30 5.37 -13.89
C GLN A 290 -3.84 6.63 -14.57
N ASP A 291 -4.46 6.43 -15.75
CA ASP A 291 -4.74 7.60 -16.59
C ASP A 291 -5.89 8.46 -16.08
N THR A 292 -6.61 8.03 -15.04
CA THR A 292 -7.63 8.86 -14.42
C THR A 292 -7.12 9.62 -13.19
N HIS A 293 -5.86 9.44 -12.81
CA HIS A 293 -5.34 10.21 -11.70
C HIS A 293 -5.17 11.67 -12.14
N PRO A 294 -5.52 12.63 -11.29
CA PRO A 294 -5.44 14.04 -11.72
C PRO A 294 -4.06 14.47 -12.19
N ASP A 295 -3.00 13.82 -11.71
CA ASP A 295 -1.64 14.21 -12.04
C ASP A 295 -1.03 13.36 -13.14
N TYR A 296 -1.82 12.48 -13.76
CA TYR A 296 -1.30 11.61 -14.81
C TYR A 296 -0.79 12.44 -15.99
N VAL A 297 0.43 12.13 -16.42
CA VAL A 297 0.96 12.56 -17.71
C VAL A 297 1.62 11.34 -18.33
N LYS A 298 1.27 11.06 -19.58
CA LYS A 298 1.75 9.86 -20.25
C LYS A 298 3.28 9.85 -20.31
N ALA A 299 3.87 8.71 -19.97
CA ALA A 299 5.32 8.62 -19.94
C ALA A 299 5.90 8.54 -21.35
N SER A 300 7.16 8.96 -21.48
N SER A 300 7.17 8.93 -21.47
CA SER A 300 7.82 8.96 -22.78
CA SER A 300 7.85 8.96 -22.75
C SER A 300 8.11 7.53 -23.26
C SER A 300 8.33 7.59 -23.20
N SER A 301 8.27 6.59 -22.34
CA SER A 301 8.54 5.21 -22.69
C SER A 301 7.23 4.44 -22.58
N GLN A 302 6.89 3.69 -23.63
CA GLN A 302 5.72 2.85 -23.68
C GLN A 302 6.18 1.44 -24.03
N TYR A 303 5.44 0.44 -23.52
CA TYR A 303 5.84 -0.96 -23.66
C TYR A 303 4.75 -1.79 -24.31
N ASP A 304 4.05 -1.23 -25.30
CA ASP A 304 3.05 -2.00 -26.02
C ASP A 304 3.70 -3.24 -26.61
N TYR A 305 3.00 -4.37 -26.48
CA TYR A 305 3.50 -5.67 -26.91
C TYR A 305 4.15 -5.62 -28.28
N ASP A 306 5.42 -6.04 -28.33
CA ASP A 306 6.18 -6.02 -29.58
C ASP A 306 7.31 -7.05 -29.39
N LYS A 307 7.03 -8.29 -29.79
CA LYS A 307 8.00 -9.37 -29.58
C LYS A 307 9.28 -9.12 -30.35
N ALA A 308 9.18 -8.56 -31.56
CA ALA A 308 10.39 -8.31 -32.35
C ALA A 308 11.29 -7.30 -31.68
N LYS A 309 10.70 -6.28 -31.05
CA LYS A 309 11.48 -5.30 -30.30
C LYS A 309 12.15 -5.95 -29.10
N ALA A 310 11.44 -6.81 -28.38
CA ALA A 310 12.05 -7.56 -27.29
C ALA A 310 13.24 -8.37 -27.78
N GLU A 311 13.07 -9.10 -28.88
CA GLU A 311 14.16 -9.90 -29.42
C GLU A 311 15.34 -9.01 -29.81
N LYS A 312 15.04 -7.85 -30.38
CA LYS A 312 16.11 -6.94 -30.80
C LYS A 312 16.89 -6.44 -29.60
N LEU A 313 16.20 -6.04 -28.52
CA LEU A 313 16.89 -5.56 -27.33
C LEU A 313 17.75 -6.66 -26.71
N LEU A 314 17.22 -7.89 -26.67
CA LEU A 314 17.99 -8.98 -26.08
C LEU A 314 19.24 -9.27 -26.90
N ALA A 315 19.15 -9.19 -28.22
CA ALA A 315 20.33 -9.39 -29.07
C ALA A 315 21.35 -8.30 -28.83
N GLU A 316 20.90 -7.05 -28.67
CA GLU A 316 21.81 -5.95 -28.38
C GLU A 316 22.50 -6.16 -27.04
N ALA A 317 21.79 -6.72 -26.06
CA ALA A 317 22.34 -6.95 -24.74
C ALA A 317 23.25 -8.17 -24.68
N GLY A 318 23.43 -8.87 -25.79
CA GLY A 318 24.27 -10.06 -25.80
C GLY A 318 23.64 -11.30 -25.20
N ILE A 319 22.32 -11.34 -25.10
CA ILE A 319 21.63 -12.50 -24.52
C ILE A 319 21.49 -13.58 -25.58
N THR A 320 22.08 -14.73 -25.33
CA THR A 320 21.97 -15.86 -26.25
C THR A 320 21.28 -17.07 -25.63
N ASN A 321 21.32 -17.22 -24.32
CA ASN A 321 20.71 -18.35 -23.65
C ASN A 321 20.45 -17.99 -22.20
N LEU A 322 19.42 -17.19 -21.96
CA LEU A 322 19.09 -16.75 -20.61
C LEU A 322 18.04 -17.69 -20.00
N THR A 323 18.33 -18.18 -18.81
N THR A 323 18.32 -18.17 -18.80
CA THR A 323 17.37 -18.95 -18.03
CA THR A 323 17.37 -18.96 -18.04
C THR A 323 17.24 -18.30 -16.67
C THR A 323 17.25 -18.32 -16.66
N PHE A 324 16.01 -17.99 -16.27
CA PHE A 324 15.79 -17.36 -14.98
C PHE A 324 14.48 -17.85 -14.38
N GLN A 325 14.28 -17.50 -13.11
CA GLN A 325 13.06 -17.87 -12.41
C GLN A 325 12.29 -16.60 -12.06
N LEU A 326 10.98 -16.64 -12.29
CA LEU A 326 10.05 -15.59 -11.86
C LEU A 326 9.43 -16.00 -10.53
N LEU A 327 9.52 -15.12 -9.54
CA LEU A 327 8.77 -15.28 -8.30
C LEU A 327 7.47 -14.50 -8.40
N ALA A 328 6.38 -15.08 -7.92
CA ALA A 328 5.09 -14.42 -7.92
C ALA A 328 4.43 -14.63 -6.59
N THR A 329 3.63 -13.64 -6.18
CA THR A 329 2.81 -13.83 -5.00
C THR A 329 1.67 -14.81 -5.29
N ASP A 330 0.91 -15.13 -4.24
CA ASP A 330 -0.12 -16.15 -4.31
C ASP A 330 -1.53 -15.60 -4.52
N HIS A 331 -1.70 -14.28 -4.62
CA HIS A 331 -3.03 -13.74 -4.88
C HIS A 331 -3.63 -14.41 -6.11
N ALA A 332 -4.89 -14.80 -6.00
CA ALA A 332 -5.47 -15.65 -7.04
C ALA A 332 -5.29 -15.03 -8.42
N TRP A 333 -5.48 -13.71 -8.54
CA TRP A 333 -5.34 -13.08 -9.85
C TRP A 333 -3.88 -12.98 -10.29
N VAL A 334 -2.95 -12.83 -9.35
CA VAL A 334 -1.54 -12.90 -9.72
C VAL A 334 -1.18 -14.29 -10.20
N LYS A 335 -1.68 -15.33 -9.53
CA LYS A 335 -1.47 -16.70 -10.00
C LYS A 335 -2.04 -16.91 -11.40
N GLU A 336 -3.09 -16.17 -11.77
CA GLU A 336 -3.64 -16.30 -13.11
C GLU A 336 -2.82 -15.57 -14.15
N CYS A 337 -2.19 -14.45 -13.78
CA CYS A 337 -1.36 -13.72 -14.73
C CYS A 337 -0.06 -14.45 -15.00
N ALA A 338 0.46 -15.15 -13.99
CA ALA A 338 1.82 -15.68 -14.08
C ALA A 338 2.03 -16.62 -15.26
N PRO A 339 1.21 -17.64 -15.48
CA PRO A 339 1.47 -18.54 -16.61
C PRO A 339 1.38 -17.83 -17.95
N LEU A 340 0.57 -16.80 -18.06
CA LEU A 340 0.47 -16.06 -19.33
C LEU A 340 1.74 -15.25 -19.57
N ILE A 341 2.26 -14.61 -18.53
CA ILE A 341 3.55 -13.94 -18.63
C ILE A 341 4.64 -14.93 -18.99
N LEU A 342 4.65 -16.09 -18.32
CA LEU A 342 5.65 -17.11 -18.64
C LEU A 342 5.56 -17.54 -20.10
N GLU A 343 4.34 -17.71 -20.62
CA GLU A 343 4.22 -18.13 -22.02
C GLU A 343 4.81 -17.08 -22.95
N SER A 344 4.56 -15.80 -22.67
CA SER A 344 5.11 -14.75 -23.52
C SER A 344 6.63 -14.73 -23.47
N TRP A 345 7.19 -14.91 -22.27
CA TRP A 345 8.65 -14.88 -22.17
C TRP A 345 9.27 -16.14 -22.75
N ASN A 346 8.64 -17.30 -22.53
CA ASN A 346 9.20 -18.54 -23.06
C ASN A 346 9.08 -18.61 -24.57
N ALA A 347 8.26 -17.75 -25.17
CA ALA A 347 8.17 -17.66 -26.63
C ALA A 347 9.36 -16.93 -27.25
N LEU A 348 10.17 -16.25 -26.43
CA LEU A 348 11.35 -15.58 -26.94
C LEU A 348 12.43 -16.60 -27.28
N SER A 349 13.25 -16.26 -28.29
CA SER A 349 14.20 -17.23 -28.85
C SER A 349 15.37 -17.53 -27.90
N VAL A 350 15.64 -16.68 -26.92
CA VAL A 350 16.84 -16.83 -26.11
C VAL A 350 16.55 -16.80 -24.60
N VAL A 351 15.28 -16.98 -24.22
CA VAL A 351 14.87 -16.90 -22.83
C VAL A 351 14.05 -18.14 -22.50
N LYS A 352 14.37 -18.78 -21.37
CA LYS A 352 13.54 -19.80 -20.75
C LYS A 352 13.34 -19.40 -19.29
N VAL A 353 12.10 -19.54 -18.79
N VAL A 353 12.11 -19.49 -18.78
CA VAL A 353 11.71 -19.06 -17.48
CA VAL A 353 11.82 -19.04 -17.43
C VAL A 353 10.91 -20.14 -16.76
C VAL A 353 10.89 -20.02 -16.73
N THR A 354 11.19 -20.30 -15.47
CA THR A 354 10.39 -21.13 -14.58
C THR A 354 9.70 -20.23 -13.56
N LEU A 355 8.76 -20.80 -12.83
CA LEU A 355 7.89 -20.02 -11.95
C LEU A 355 7.86 -20.62 -10.55
N GLN A 356 7.88 -19.75 -9.55
CA GLN A 356 7.66 -20.16 -8.17
C GLN A 356 6.71 -19.17 -7.51
N HIS A 357 5.67 -19.68 -6.88
CA HIS A 357 4.72 -18.87 -6.14
C HIS A 357 5.03 -18.93 -4.66
N LEU A 358 4.84 -17.79 -3.99
CA LEU A 358 5.07 -17.71 -2.55
C LEU A 358 4.05 -16.75 -1.94
N GLN A 359 3.73 -16.99 -0.68
N GLN A 359 3.74 -16.99 -0.68
CA GLN A 359 2.97 -16.00 0.08
CA GLN A 359 2.99 -16.00 0.09
C GLN A 359 3.80 -14.73 0.20
C GLN A 359 3.80 -14.72 0.20
N SER A 360 3.10 -13.58 0.24
CA SER A 360 3.78 -12.28 0.21
CA SER A 360 3.78 -12.29 0.22
C SER A 360 4.77 -12.15 1.37
N GLY A 361 4.39 -12.56 2.57
CA GLY A 361 5.30 -12.40 3.70
C GLY A 361 6.65 -13.08 3.46
N ALA A 362 6.60 -14.33 3.00
CA ALA A 362 7.84 -15.07 2.72
C ALA A 362 8.54 -14.53 1.49
N LEU A 363 7.78 -14.07 0.49
CA LEU A 363 8.42 -13.51 -0.69
C LEU A 363 9.35 -12.37 -0.30
N TYR A 364 8.88 -11.49 0.60
CA TYR A 364 9.74 -10.36 0.96
C TYR A 364 10.81 -10.75 1.97
N SER A 365 10.43 -11.46 3.03
CA SER A 365 11.40 -11.74 4.09
CA SER A 365 11.40 -11.74 4.09
C SER A 365 12.47 -12.74 3.64
N ALA A 366 12.07 -13.77 2.89
CA ALA A 366 13.00 -14.83 2.53
C ALA A 366 13.72 -14.62 1.20
N HIS A 367 13.21 -13.74 0.33
CA HIS A 367 13.81 -13.62 -0.99
C HIS A 367 14.14 -12.18 -1.33
N VAL A 368 13.13 -11.32 -1.40
CA VAL A 368 13.34 -9.96 -1.91
C VAL A 368 14.28 -9.17 -1.00
N ASP A 369 14.01 -9.17 0.31
CA ASP A 369 14.80 -8.33 1.22
C ASP A 369 16.25 -8.80 1.30
N LYS A 370 16.54 -10.05 0.94
CA LYS A 370 17.91 -10.55 0.92
C LYS A 370 18.54 -10.46 -0.46
N GLY A 371 17.79 -10.04 -1.48
CA GLY A 371 18.30 -10.09 -2.82
C GLY A 371 18.36 -11.48 -3.42
N ALA A 372 17.78 -12.47 -2.75
CA ALA A 372 17.81 -13.87 -3.21
C ALA A 372 16.70 -14.13 -4.23
N TYR A 373 16.75 -13.38 -5.34
CA TYR A 373 15.76 -13.47 -6.40
C TYR A 373 16.29 -12.73 -7.62
N GLU A 374 15.59 -12.90 -8.73
CA GLU A 374 15.89 -12.20 -9.98
C GLU A 374 14.76 -11.29 -10.44
N VAL A 375 13.53 -11.82 -10.49
N VAL A 375 13.54 -11.81 -10.52
CA VAL A 375 12.38 -11.10 -11.04
CA VAL A 375 12.40 -11.06 -11.02
C VAL A 375 11.15 -11.48 -10.25
C VAL A 375 11.15 -11.47 -10.25
N VAL A 376 10.31 -10.48 -9.95
CA VAL A 376 9.10 -10.66 -9.17
C VAL A 376 7.93 -10.00 -9.89
N ILE A 377 6.77 -10.64 -9.84
CA ILE A 377 5.50 -9.96 -10.06
C ILE A 377 4.71 -9.99 -8.77
N ALA A 378 4.13 -8.85 -8.42
CA ALA A 378 3.42 -8.72 -7.16
C ALA A 378 2.47 -7.53 -7.27
N PRO A 379 1.45 -7.47 -6.42
CA PRO A 379 0.56 -6.31 -6.40
C PRO A 379 1.06 -5.25 -5.43
N GLY A 380 0.71 -4.01 -5.72
CA GLY A 380 1.05 -2.92 -4.82
C GLY A 380 0.03 -1.82 -4.92
N ASP A 381 -0.21 -1.15 -3.78
CA ASP A 381 -1.09 0.00 -3.75
C ASP A 381 -0.77 0.93 -2.60
N PRO A 382 0.24 1.78 -2.78
CA PRO A 382 0.54 2.81 -1.78
C PRO A 382 -0.51 3.91 -1.70
N SER A 383 -1.55 3.90 -2.54
CA SER A 383 -2.56 4.94 -2.38
C SER A 383 -3.37 4.78 -1.10
N VAL A 384 -3.21 3.66 -0.38
CA VAL A 384 -3.75 3.58 0.98
C VAL A 384 -3.27 4.72 1.86
N PHE A 385 -2.06 5.24 1.61
CA PHE A 385 -1.48 6.27 2.47
C PHE A 385 -1.92 7.67 2.08
N GLY A 386 -2.45 7.83 0.88
CA GLY A 386 -2.78 9.12 0.32
C GLY A 386 -2.60 9.07 -1.17
N ASN A 387 -3.00 10.15 -1.84
CA ASN A 387 -3.08 10.13 -3.30
C ASN A 387 -2.18 11.15 -3.97
N ASP A 388 -1.31 11.83 -3.23
CA ASP A 388 -0.50 12.87 -3.84
C ASP A 388 0.72 12.27 -4.54
N LEU A 389 1.22 12.97 -5.57
CA LEU A 389 2.20 12.34 -6.44
C LEU A 389 3.54 12.09 -5.74
N ASP A 390 4.01 13.03 -4.91
CA ASP A 390 5.25 12.74 -4.19
C ASP A 390 5.11 11.47 -3.36
N LEU A 391 3.95 11.29 -2.73
CA LEU A 391 3.74 10.10 -1.91
C LEU A 391 3.81 8.84 -2.74
N LEU A 392 3.09 8.81 -3.86
CA LEU A 392 3.03 7.59 -4.67
C LEU A 392 4.39 7.26 -5.26
N LEU A 393 5.14 8.28 -5.69
CA LEU A 393 6.51 8.05 -6.16
C LEU A 393 7.42 7.63 -5.01
N SER A 394 7.27 8.26 -3.84
CA SER A 394 8.21 8.06 -2.74
C SER A 394 8.16 6.63 -2.23
N TRP A 395 6.96 6.03 -2.18
CA TRP A 395 6.85 4.68 -1.63
C TRP A 395 7.92 3.76 -2.21
N TRP A 396 7.99 3.69 -3.54
CA TRP A 396 8.91 2.79 -4.22
C TRP A 396 10.24 3.42 -4.59
N TYR A 397 10.34 4.76 -4.69
CA TYR A 397 11.50 5.37 -5.31
C TYR A 397 12.26 6.37 -4.45
N ARG A 398 11.76 6.76 -3.28
CA ARG A 398 12.50 7.67 -2.41
C ARG A 398 13.30 6.87 -1.38
N GLY A 399 14.58 7.17 -1.28
CA GLY A 399 15.39 6.56 -0.24
C GLY A 399 15.73 5.10 -0.52
N ASP A 400 15.78 4.32 0.56
CA ASP A 400 16.39 2.99 0.52
C ASP A 400 15.41 1.84 0.69
N VAL A 401 14.22 2.07 1.20
CA VAL A 401 13.32 0.96 1.57
C VAL A 401 13.16 -0.02 0.41
N TRP A 402 12.82 0.50 -0.78
CA TRP A 402 12.76 -0.39 -1.94
C TRP A 402 14.00 -0.28 -2.84
N PRO A 403 14.47 0.92 -3.21
CA PRO A 403 15.53 0.98 -4.22
C PRO A 403 16.86 0.39 -3.76
N LYS A 404 17.18 0.47 -2.46
CA LYS A 404 18.43 -0.13 -1.99
C LYS A 404 18.23 -1.56 -1.52
N ARG A 405 17.23 -1.78 -0.67
CA ARG A 405 17.12 -3.08 0.00
C ARG A 405 16.25 -4.09 -0.75
N ARG A 406 15.50 -3.68 -1.77
CA ARG A 406 14.62 -4.61 -2.48
C ARG A 406 14.99 -4.76 -3.94
N PHE A 407 14.85 -3.72 -4.76
CA PHE A 407 15.18 -3.88 -6.17
C PHE A 407 16.59 -3.42 -6.54
N ARG A 408 17.37 -2.92 -5.56
CA ARG A 408 18.83 -2.88 -5.67
C ARG A 408 19.30 -2.12 -6.91
N TRP A 409 18.71 -0.95 -7.09
CA TRP A 409 19.01 -0.02 -8.18
C TRP A 409 19.67 1.24 -7.67
N ALA A 410 19.92 1.33 -6.36
CA ALA A 410 20.37 2.56 -5.71
C ALA A 410 21.82 2.93 -6.00
N ASN A 411 22.57 2.10 -6.73
CA ASN A 411 23.95 2.39 -7.11
CA ASN A 411 23.94 2.47 -7.08
C ASN A 411 24.05 3.06 -8.48
N THR A 412 22.94 3.28 -9.17
CA THR A 412 22.96 3.80 -10.52
C THR A 412 22.91 5.32 -10.52
N ALA A 413 23.49 5.92 -11.58
CA ALA A 413 23.37 7.36 -11.73
C ALA A 413 21.93 7.77 -11.88
N GLU A 414 21.12 6.92 -12.52
CA GLU A 414 19.70 7.22 -12.69
C GLU A 414 18.98 7.32 -11.34
N TYR A 415 19.28 6.41 -10.41
CA TYR A 415 18.70 6.50 -9.08
C TYR A 415 19.04 7.83 -8.42
N HIS A 416 20.31 8.25 -8.50
CA HIS A 416 20.69 9.48 -7.82
C HIS A 416 20.02 10.69 -8.45
N GLU A 417 19.84 10.67 -9.77
CA GLU A 417 19.11 11.74 -10.43
C GLU A 417 17.67 11.77 -9.97
N VAL A 418 17.04 10.60 -9.85
CA VAL A 418 15.67 10.55 -9.36
C VAL A 418 15.57 11.12 -7.94
N GLN A 419 16.55 10.84 -7.07
CA GLN A 419 16.48 11.42 -5.73
C GLN A 419 16.52 12.94 -5.79
N LYS A 420 17.39 13.49 -6.65
CA LYS A 420 17.44 14.94 -6.77
C LYS A 420 16.13 15.51 -7.28
N LEU A 421 15.51 14.80 -8.23
CA LEU A 421 14.25 15.28 -8.78
C LEU A 421 13.12 15.20 -7.76
N LEU A 422 13.05 14.09 -7.01
CA LEU A 422 12.02 13.98 -5.98
C LEU A 422 12.18 15.05 -4.92
N ASP A 423 13.43 15.35 -4.55
CA ASP A 423 13.66 16.42 -3.60
C ASP A 423 13.28 17.78 -4.19
N GLU A 424 13.68 18.03 -5.44
CA GLU A 424 13.34 19.31 -6.05
C GLU A 424 11.83 19.53 -6.11
N ALA A 425 11.07 18.46 -6.40
CA ALA A 425 9.63 18.65 -6.57
C ALA A 425 8.96 19.06 -5.28
N ILE A 426 9.50 18.69 -4.13
CA ILE A 426 8.90 19.10 -2.85
C ILE A 426 9.59 20.29 -2.20
N LYS A 427 10.87 20.52 -2.48
CA LYS A 427 11.55 21.71 -1.99
C LYS A 427 11.34 22.92 -2.89
N ASN A 428 10.96 22.69 -4.15
CA ASN A 428 10.63 23.76 -5.11
C ASN A 428 9.28 23.45 -5.72
N PRO A 429 8.21 23.64 -4.97
CA PRO A 429 6.87 23.26 -5.47
C PRO A 429 6.49 23.91 -6.80
N ALA A 430 6.97 25.12 -7.09
CA ALA A 430 6.66 25.72 -8.38
C ALA A 430 7.19 24.90 -9.54
N GLY A 431 8.22 24.09 -9.32
CA GLY A 431 8.76 23.23 -10.35
C GLY A 431 8.32 21.78 -10.28
N SER A 432 7.28 21.48 -9.48
CA SER A 432 7.01 20.08 -9.17
C SER A 432 6.56 19.29 -10.38
N LYS A 433 5.61 19.82 -11.16
CA LYS A 433 5.12 19.08 -12.33
C LYS A 433 6.25 18.71 -13.27
N VAL A 434 7.17 19.65 -13.54
CA VAL A 434 8.30 19.38 -14.41
C VAL A 434 9.20 18.32 -13.79
N ALA A 435 9.52 18.46 -12.50
CA ALA A 435 10.45 17.54 -11.85
C ALA A 435 9.87 16.13 -11.75
N TRP A 436 8.59 16.03 -11.40
CA TRP A 436 7.96 14.71 -11.33
C TRP A 436 7.96 14.03 -12.69
N GLN A 437 7.69 14.78 -13.76
N GLN A 437 7.66 14.79 -13.75
CA GLN A 437 7.66 14.11 -15.05
CA GLN A 437 7.68 14.24 -15.11
C GLN A 437 9.05 13.67 -15.50
C GLN A 437 9.04 13.66 -15.44
N LYS A 438 10.10 14.42 -15.15
CA LYS A 438 11.45 13.96 -15.44
C LYS A 438 11.76 12.68 -14.67
N ALA A 439 11.35 12.62 -13.39
CA ALA A 439 11.61 11.42 -12.60
C ALA A 439 10.84 10.22 -13.15
N ILE A 440 9.54 10.41 -13.43
CA ILE A 440 8.72 9.35 -13.99
C ILE A 440 9.29 8.84 -15.30
N ASN A 441 9.81 9.75 -16.14
CA ASN A 441 10.32 9.31 -17.43
C ASN A 441 11.64 8.55 -17.29
N ILE A 442 12.45 8.87 -16.28
CA ILE A 442 13.64 8.07 -16.02
C ILE A 442 13.22 6.68 -15.51
N ILE A 443 12.28 6.66 -14.58
CA ILE A 443 11.76 5.40 -14.05
C ILE A 443 11.17 4.54 -15.17
N ALA A 444 10.39 5.15 -16.06
CA ALA A 444 9.75 4.38 -17.13
C ALA A 444 10.75 3.86 -18.16
N GLU A 445 11.87 4.57 -18.35
CA GLU A 445 12.90 4.06 -19.25
C GLU A 445 13.71 2.95 -18.58
N GLN A 446 13.97 3.09 -17.29
CA GLN A 446 14.84 2.17 -16.57
C GLN A 446 14.11 0.93 -16.10
N VAL A 447 12.79 1.00 -15.94
CA VAL A 447 11.93 -0.09 -15.47
C VAL A 447 12.56 -0.98 -14.41
N PRO A 448 13.04 -0.44 -13.27
CA PRO A 448 13.49 -1.31 -12.18
C PRO A 448 12.29 -1.98 -11.50
N LEU A 449 11.30 -1.17 -11.16
CA LEU A 449 9.99 -1.60 -10.67
C LEU A 449 8.98 -0.74 -11.40
N TYR A 450 8.06 -1.34 -12.14
CA TYR A 450 7.18 -0.53 -12.95
C TYR A 450 5.89 -1.29 -13.16
N PRO A 451 4.75 -0.60 -13.23
CA PRO A 451 3.48 -1.30 -13.39
C PRO A 451 3.37 -1.96 -14.76
N ILE A 452 2.75 -3.13 -14.75
CA ILE A 452 2.24 -3.78 -15.96
C ILE A 452 0.83 -3.30 -16.27
N ILE A 453 -0.05 -3.34 -15.28
CA ILE A 453 -1.42 -2.84 -15.41
C ILE A 453 -1.79 -2.12 -14.11
N HIS A 454 -2.73 -1.17 -14.22
CA HIS A 454 -3.49 -0.70 -13.06
C HIS A 454 -4.90 -1.26 -13.24
N ARG A 455 -5.59 -1.56 -12.14
CA ARG A 455 -6.87 -2.24 -12.24
C ARG A 455 -7.99 -1.47 -11.55
N LYS A 456 -9.22 -1.71 -12.01
CA LYS A 456 -10.41 -1.24 -11.32
C LYS A 456 -10.70 -2.18 -10.18
N LEU A 457 -11.16 -1.64 -9.06
CA LEU A 457 -11.28 -2.41 -7.83
C LEU A 457 -12.74 -2.55 -7.44
N PRO A 458 -13.34 -3.73 -7.57
CA PRO A 458 -14.74 -3.90 -7.16
C PRO A 458 -14.89 -4.42 -5.74
N THR A 459 -15.89 -3.87 -5.05
CA THR A 459 -16.30 -4.29 -3.72
C THR A 459 -17.77 -4.66 -3.79
N ALA A 460 -18.18 -5.62 -2.97
CA ALA A 460 -19.58 -6.01 -2.87
C ALA A 460 -20.05 -5.89 -1.42
N TRP A 461 -21.30 -5.47 -1.24
CA TRP A 461 -21.86 -5.38 0.10
C TRP A 461 -23.38 -5.48 0.00
N ASN A 462 -24.00 -5.78 1.13
CA ASN A 462 -25.45 -5.91 1.23
C ASN A 462 -26.00 -4.64 1.87
N THR A 463 -26.72 -3.83 1.10
CA THR A 463 -27.19 -2.54 1.60
C THR A 463 -28.35 -2.69 2.57
N LYS A 464 -29.01 -3.85 2.62
CA LYS A 464 -30.05 -4.10 3.60
C LYS A 464 -29.49 -4.42 4.98
N LYS A 465 -28.20 -4.74 5.08
CA LYS A 465 -27.59 -5.15 6.35
C LYS A 465 -26.65 -4.11 6.94
N LEU A 466 -26.01 -3.30 6.10
CA LEU A 466 -25.04 -2.31 6.55
C LEU A 466 -25.58 -0.91 6.31
N THR A 467 -25.23 0.01 7.20
CA THR A 467 -25.58 1.41 7.06
C THR A 467 -24.32 2.21 6.74
N ASP A 468 -24.39 3.01 5.68
CA ASP A 468 -23.36 3.98 5.32
C ASP A 468 -22.05 3.34 4.87
N PHE A 469 -22.09 2.10 4.40
CA PHE A 469 -20.90 1.46 3.85
C PHE A 469 -20.59 2.02 2.47
N GLN A 470 -19.31 2.26 2.21
CA GLN A 470 -18.86 2.73 0.91
C GLN A 470 -17.60 1.97 0.52
N PRO A 471 -17.45 1.64 -0.76
CA PRO A 471 -16.25 0.94 -1.22
C PRO A 471 -15.07 1.91 -1.32
N LEU A 472 -13.85 1.35 -1.19
CA LEU A 472 -12.65 2.17 -1.20
C LEU A 472 -12.05 2.22 -2.60
N PRO A 473 -11.31 3.28 -2.90
CA PRO A 473 -10.50 3.33 -4.12
C PRO A 473 -9.12 2.69 -3.94
N THR A 474 -8.89 2.04 -2.80
CA THR A 474 -7.62 1.43 -2.44
C THR A 474 -7.89 0.03 -1.93
N THR A 475 -6.82 -0.70 -1.63
CA THR A 475 -7.01 -1.97 -0.96
C THR A 475 -7.64 -1.76 0.43
N GLY A 476 -8.24 -2.82 0.95
CA GLY A 476 -8.81 -2.83 2.29
C GLY A 476 -10.31 -2.68 2.28
N LEU A 477 -10.87 -2.61 3.49
CA LEU A 477 -12.26 -2.27 3.71
C LEU A 477 -12.29 -1.28 4.86
N SER A 478 -13.28 -0.38 4.84
CA SER A 478 -13.49 0.54 5.95
C SER A 478 -14.86 0.34 6.56
N PHE A 479 -14.90 0.20 7.89
CA PHE A 479 -16.16 0.24 8.61
C PHE A 479 -16.25 1.44 9.54
N LEU A 480 -15.40 2.45 9.32
CA LEU A 480 -15.53 3.70 10.06
C LEU A 480 -16.87 4.35 9.70
N GLY A 481 -17.69 4.59 10.73
CA GLY A 481 -19.01 5.14 10.52
C GLY A 481 -20.05 4.16 10.01
N VAL A 482 -19.69 2.87 9.87
CA VAL A 482 -20.60 1.88 9.29
C VAL A 482 -21.27 1.08 10.41
N GLY A 483 -22.58 0.89 10.30
CA GLY A 483 -23.30 0.13 11.30
C GLY A 483 -24.12 -0.97 10.68
N ARG A 484 -24.92 -1.66 11.51
CA ARG A 484 -25.88 -2.67 11.05
C ARG A 484 -27.29 -2.10 11.07
N THR A 485 -28.10 -2.57 10.13
CA THR A 485 -29.51 -2.18 10.08
C THR A 485 -30.27 -2.89 11.20
#